data_8P7O
#
_entry.id   8P7O
#
_cell.length_a   41.259
_cell.length_b   74.459
_cell.length_c   100.994
_cell.angle_alpha   90.000
_cell.angle_beta   90.000
_cell.angle_gamma   90.000
#
_symmetry.space_group_name_H-M   'P 21 21 21'
#
loop_
_entity.id
_entity.type
_entity.pdbx_description
1 polymer 'Isopenicillin N synthase'
2 non-polymer 'SULFATE ION'
3 non-polymer 'FE (III) ION'
4 non-polymer '(2~{S})-2-azanyl-6-[[(2~{R})-1-[[(1~{S})-2-methyl-1-sulfo-propyl]amino]-1-oxidanylidene-3-sulfanyl-propan-2-yl]amino]-6-oxidanylidene-hexanoic acid'
5 water water
#
_entity_poly.entity_id   1
_entity_poly.type   'polypeptide(L)'
_entity_poly.pdbx_seq_one_letter_code
;MGSVSKANVPKIDVSPLFGDDQAAKMRVAQQIDAASRDTGFFYAVNHGINVQRLSQKTKEFHMSITPEEKWDLAIRAYNK
EHQDQVRAGYYLSIPGKKAVESFCYLNPNFTPDHPRIQAKTPTHEVNVWPDETKHPGFQDFAEQYYWDVFGLSSALLKGY
ALALGKEENFFARHFKPDDTLASVVLIRYPYLDPYPEAAIKTAADGTKLSFEWHEDVSLITVLYQSNVQNLQVETAAGYQ
DIEADDTGYLINCGSYMAHLTNNYYKAPIHRVKWVNAERQSLPFFVNLGYDSVIDPFDPREPNGKSDREPLSYGDYLQNG
LVSLINKNGQT
;
_entity_poly.pdbx_strand_id   A
#
# COMPACT_ATOMS: atom_id res chain seq x y z
N GLY A 2 -0.85 27.39 15.33
CA GLY A 2 -0.10 26.19 15.01
C GLY A 2 -0.87 24.91 15.25
N SER A 3 -2.18 25.04 15.50
CA SER A 3 -3.02 23.88 15.74
C SER A 3 -3.21 23.09 14.45
N VAL A 4 -3.59 21.82 14.62
CA VAL A 4 -3.68 20.87 13.52
C VAL A 4 -5.12 20.39 13.41
N SER A 5 -5.71 20.56 12.24
N SER A 5 -5.70 20.56 12.23
CA SER A 5 -7.08 20.15 12.01
CA SER A 5 -7.08 20.16 11.99
C SER A 5 -7.13 18.68 11.59
C SER A 5 -7.13 18.67 11.63
N LYS A 6 -8.34 18.15 11.46
CA LYS A 6 -8.55 16.75 11.13
C LYS A 6 -9.18 16.61 9.75
N ALA A 7 -8.60 15.74 8.94
CA ALA A 7 -9.09 15.56 7.58
C ALA A 7 -10.46 14.88 7.59
N ASN A 8 -11.27 15.24 6.60
CA ASN A 8 -12.53 14.54 6.39
C ASN A 8 -12.21 13.25 5.63
N VAL A 9 -12.35 12.12 6.30
CA VAL A 9 -12.11 10.81 5.71
C VAL A 9 -13.39 10.00 5.82
N PRO A 10 -14.25 10.01 4.80
CA PRO A 10 -15.54 9.33 4.91
C PRO A 10 -15.38 7.81 4.92
N LYS A 11 -16.32 7.15 5.59
CA LYS A 11 -16.38 5.70 5.61
C LYS A 11 -17.40 5.24 4.57
N ILE A 12 -16.92 4.53 3.55
CA ILE A 12 -17.73 4.17 2.40
C ILE A 12 -17.99 2.67 2.43
N ASP A 13 -19.27 2.29 2.49
CA ASP A 13 -19.67 0.89 2.38
C ASP A 13 -19.45 0.44 0.94
N VAL A 14 -18.39 -0.35 0.73
CA VAL A 14 -18.01 -0.78 -0.62
C VAL A 14 -18.63 -2.12 -1.00
N SER A 15 -19.45 -2.72 -0.14
CA SER A 15 -20.02 -4.04 -0.45
C SER A 15 -20.80 -4.09 -1.76
N PRO A 16 -21.54 -3.06 -2.19
CA PRO A 16 -22.21 -3.16 -3.50
C PRO A 16 -21.27 -3.40 -4.66
N LEU A 17 -20.00 -3.04 -4.54
CA LEU A 17 -19.05 -3.24 -5.64
C LEU A 17 -18.77 -4.72 -5.88
N PHE A 18 -19.13 -5.59 -4.95
CA PHE A 18 -19.03 -7.03 -5.13
C PHE A 18 -20.27 -7.64 -5.77
N GLY A 19 -21.35 -6.87 -5.91
CA GLY A 19 -22.62 -7.39 -6.35
C GLY A 19 -22.99 -6.95 -7.75
N ASP A 20 -24.29 -7.08 -8.06
CA ASP A 20 -24.81 -6.78 -9.39
C ASP A 20 -25.92 -5.73 -9.36
N ASP A 21 -26.02 -4.97 -8.27
CA ASP A 21 -26.93 -3.83 -8.20
C ASP A 21 -26.18 -2.64 -8.79
N GLN A 22 -26.45 -2.33 -10.06
CA GLN A 22 -25.61 -1.37 -10.78
C GLN A 22 -25.84 0.05 -10.27
N ALA A 23 -27.08 0.40 -9.92
CA ALA A 23 -27.34 1.72 -9.36
C ALA A 23 -26.68 1.87 -7.99
N ALA A 24 -26.70 0.82 -7.17
CA ALA A 24 -26.03 0.87 -5.89
C ALA A 24 -24.52 1.07 -6.07
N LYS A 25 -23.95 0.45 -7.11
CA LYS A 25 -22.53 0.64 -7.38
C LYS A 25 -22.23 2.07 -7.80
N MET A 26 -23.15 2.69 -8.54
CA MET A 26 -22.99 4.10 -8.90
C MET A 26 -23.02 4.99 -7.67
N ARG A 27 -23.86 4.66 -6.69
CA ARG A 27 -23.89 5.44 -5.46
C ARG A 27 -22.61 5.28 -4.66
N VAL A 28 -21.99 4.10 -4.70
CA VAL A 28 -20.65 3.95 -4.13
C VAL A 28 -19.64 4.79 -4.91
N ALA A 29 -19.73 4.73 -6.24
CA ALA A 29 -18.80 5.47 -7.08
C ALA A 29 -18.87 6.98 -6.82
N GLN A 30 -20.08 7.51 -6.61
CA GLN A 30 -20.20 8.92 -6.28
C GLN A 30 -19.43 9.25 -5.01
N GLN A 31 -19.54 8.41 -3.99
CA GLN A 31 -18.81 8.65 -2.74
C GLN A 31 -17.31 8.60 -2.97
N ILE A 32 -16.85 7.65 -3.79
CA ILE A 32 -15.42 7.57 -4.12
C ILE A 32 -14.99 8.82 -4.88
N ASP A 33 -15.83 9.30 -5.79
CA ASP A 33 -15.52 10.53 -6.52
C ASP A 33 -15.38 11.71 -5.58
N ALA A 34 -16.34 11.86 -4.66
CA ALA A 34 -16.32 13.00 -3.74
C ALA A 34 -15.07 12.97 -2.85
N ALA A 35 -14.71 11.79 -2.34
CA ALA A 35 -13.51 11.69 -1.51
C ALA A 35 -12.25 11.95 -2.34
N SER A 36 -12.20 11.42 -3.56
CA SER A 36 -11.01 11.60 -4.40
C SER A 36 -10.80 13.06 -4.77
N ARG A 37 -11.87 13.84 -4.84
CA ARG A 37 -11.77 15.26 -5.19
C ARG A 37 -11.57 16.15 -3.96
N ASP A 38 -11.74 15.61 -2.76
CA ASP A 38 -11.52 16.37 -1.53
C ASP A 38 -10.11 16.10 -0.99
N THR A 39 -10.01 15.41 0.14
CA THR A 39 -8.70 15.11 0.71
C THR A 39 -7.99 13.97 0.00
N GLY A 40 -8.72 13.10 -0.69
CA GLY A 40 -8.14 11.99 -1.40
C GLY A 40 -8.07 10.69 -0.64
N PHE A 41 -8.52 10.66 0.61
CA PHE A 41 -8.56 9.44 1.41
C PHE A 41 -9.99 9.09 1.75
N PHE A 42 -10.26 7.79 1.83
CA PHE A 42 -11.51 7.31 2.40
C PHE A 42 -11.27 5.94 3.02
N TYR A 43 -12.15 5.57 3.95
CA TYR A 43 -12.12 4.25 4.57
C TYR A 43 -13.12 3.36 3.85
N ALA A 44 -12.65 2.22 3.36
CA ALA A 44 -13.52 1.19 2.80
C ALA A 44 -14.00 0.28 3.92
N VAL A 45 -15.31 0.27 4.16
CA VAL A 45 -15.92 -0.55 5.20
C VAL A 45 -16.84 -1.58 4.55
N ASN A 46 -17.19 -2.60 5.33
N ASN A 46 -17.20 -2.60 5.32
CA ASN A 46 -17.96 -3.75 4.84
CA ASN A 46 -17.97 -3.75 4.84
C ASN A 46 -17.21 -4.41 3.69
C ASN A 46 -17.26 -4.41 3.65
N HIS A 47 -15.91 -4.63 3.90
N HIS A 47 -15.95 -4.67 3.84
CA HIS A 47 -14.99 -5.08 2.87
CA HIS A 47 -15.10 -5.21 2.80
C HIS A 47 -14.82 -6.59 2.79
C HIS A 47 -14.97 -6.72 2.84
N GLY A 48 -15.23 -7.32 3.83
N GLY A 48 -15.42 -7.37 3.92
CA GLY A 48 -15.24 -8.77 3.77
CA GLY A 48 -15.45 -8.82 3.97
C GLY A 48 -13.91 -9.45 4.04
C GLY A 48 -14.16 -9.50 4.35
N ILE A 49 -12.89 -8.71 4.46
N ILE A 49 -13.07 -8.76 4.52
CA ILE A 49 -11.59 -9.29 4.80
CA ILE A 49 -11.80 -9.35 4.90
C ILE A 49 -11.46 -9.39 6.31
C ILE A 49 -11.71 -9.40 6.42
N ASN A 50 -10.95 -10.53 6.79
N ASN A 50 -11.25 -10.54 6.93
CA ASN A 50 -10.68 -10.71 8.22
CA ASN A 50 -11.04 -10.72 8.38
C ASN A 50 -9.36 -10.00 8.52
C ASN A 50 -9.72 -10.06 8.75
N VAL A 51 -9.46 -8.72 8.92
N VAL A 51 -9.79 -8.88 9.35
CA VAL A 51 -8.26 -7.95 9.25
CA VAL A 51 -8.60 -8.12 9.74
C VAL A 51 -7.73 -8.27 10.64
C VAL A 51 -8.30 -8.25 11.23
N GLN A 52 -8.52 -8.95 11.47
N GLN A 52 -8.93 -9.22 11.91
CA GLN A 52 -8.01 -9.37 12.78
CA GLN A 52 -8.83 -9.28 13.37
C GLN A 52 -7.01 -10.51 12.64
C GLN A 52 -7.45 -9.74 13.83
N ARG A 53 -7.30 -11.48 11.76
N ARG A 53 -6.75 -10.54 13.03
CA ARG A 53 -6.35 -12.55 11.50
CA ARG A 53 -5.46 -11.08 13.42
C ARG A 53 -5.11 -12.01 10.81
C ARG A 53 -4.31 -10.57 12.56
N LEU A 54 -5.27 -11.02 9.93
N LEU A 54 -4.57 -9.61 11.66
CA LEU A 54 -4.12 -10.40 9.28
CA LEU A 54 -3.51 -9.10 10.79
C LEU A 54 -3.19 -9.76 10.30
C LEU A 54 -2.40 -8.45 11.60
N SER A 55 -3.76 -9.05 11.28
N SER A 55 -2.76 -7.63 12.59
CA SER A 55 -2.93 -8.37 12.28
CA SER A 55 -1.75 -6.97 13.41
C SER A 55 -2.28 -9.38 13.23
C SER A 55 -1.01 -7.97 14.28
N GLN A 56 -2.97 -10.47 13.54
N GLN A 56 -1.72 -8.95 14.83
CA GLN A 56 -2.42 -11.45 14.47
CA GLN A 56 -1.09 -9.94 15.69
C GLN A 56 -1.25 -12.21 13.83
C GLN A 56 -0.06 -10.76 14.93
N LYS A 57 -1.44 -12.69 12.59
N LYS A 57 -0.37 -11.14 13.70
CA LYS A 57 -0.38 -13.42 11.92
CA LYS A 57 0.58 -11.92 12.91
C LYS A 57 0.82 -12.52 11.63
C LYS A 57 1.77 -11.08 12.46
N THR A 58 0.57 -11.26 11.26
N THR A 58 1.52 -9.83 12.09
CA THR A 58 1.66 -10.33 11.03
CA THR A 58 2.62 -8.95 11.68
C THR A 58 2.43 -10.06 12.31
C THR A 58 3.57 -8.70 12.85
N LYS A 59 1.72 -9.91 13.43
N LYS A 59 3.03 -8.45 14.04
CA LYS A 59 2.39 -9.69 14.71
CA LYS A 59 3.87 -8.23 15.22
C LYS A 59 3.22 -10.89 15.11
C LYS A 59 4.61 -9.51 15.61
N GLU A 60 2.69 -12.10 14.92
N GLU A 60 3.89 -10.64 15.64
CA GLU A 60 3.44 -13.31 15.26
CA GLU A 60 4.51 -11.88 16.06
C GLU A 60 4.74 -13.39 14.46
C GLU A 60 5.64 -12.29 15.13
N PHE A 61 4.71 -12.96 13.20
N PHE A 61 5.47 -12.06 13.82
CA PHE A 61 5.91 -13.02 12.36
CA PHE A 61 6.53 -12.42 12.87
C PHE A 61 6.94 -11.98 12.80
C PHE A 61 7.79 -11.61 13.14
N HIS A 62 6.50 -10.74 13.01
N HIS A 62 7.66 -10.28 13.20
CA HIS A 62 7.42 -9.68 13.38
CA HIS A 62 8.85 -9.43 13.38
C HIS A 62 8.13 -9.97 14.69
C HIS A 62 9.47 -9.63 14.75
N MET A 63 7.41 -10.55 15.66
N MET A 63 8.66 -9.87 15.78
CA MET A 63 7.91 -10.72 17.01
CA MET A 63 9.21 -10.07 17.12
C MET A 63 8.63 -12.06 17.22
C MET A 63 9.89 -11.44 17.26
N SER A 64 8.91 -12.81 16.16
N SER A 64 9.41 -12.45 16.53
CA SER A 64 9.56 -14.10 16.31
CA SER A 64 9.97 -13.78 16.64
C SER A 64 10.71 -14.34 15.35
C SER A 64 11.07 -14.05 15.63
N ILE A 65 11.03 -13.40 14.46
CA ILE A 65 12.10 -13.59 13.48
C ILE A 65 13.42 -13.13 14.08
N THR A 66 14.47 -13.90 13.84
CA THR A 66 15.76 -13.71 14.48
C THR A 66 16.71 -12.93 13.60
N PRO A 67 17.75 -12.32 14.17
CA PRO A 67 18.74 -11.62 13.34
C PRO A 67 19.34 -12.49 12.24
N GLU A 68 19.52 -13.78 12.50
CA GLU A 68 20.02 -14.68 11.48
C GLU A 68 19.05 -14.78 10.31
N GLU A 69 17.76 -14.95 10.61
CA GLU A 69 16.76 -15.04 9.55
C GLU A 69 16.63 -13.73 8.78
N LYS A 70 16.80 -12.60 9.45
CA LYS A 70 16.69 -11.31 8.78
C LYS A 70 17.79 -11.14 7.74
N TRP A 71 19.03 -11.46 8.10
CA TRP A 71 20.10 -11.44 7.11
C TRP A 71 19.81 -12.41 5.96
N ASP A 72 19.27 -13.58 6.26
CA ASP A 72 19.02 -14.59 5.24
C ASP A 72 17.94 -14.13 4.26
N LEU A 73 17.04 -13.24 4.69
CA LEU A 73 15.95 -12.76 3.85
C LEU A 73 16.17 -11.34 3.34
N ALA A 74 17.28 -10.70 3.69
CA ALA A 74 17.44 -9.27 3.50
C ALA A 74 17.48 -8.91 2.02
N ILE A 75 16.89 -7.75 1.68
CA ILE A 75 17.00 -7.19 0.34
C ILE A 75 18.44 -6.76 0.13
N ARG A 76 18.82 -6.47 -1.11
CA ARG A 76 20.23 -6.20 -1.40
C ARG A 76 20.72 -4.90 -0.80
N ALA A 77 19.81 -3.99 -0.41
CA ALA A 77 20.23 -2.80 0.30
C ALA A 77 20.88 -3.13 1.64
N TYR A 78 20.58 -4.29 2.22
CA TYR A 78 21.17 -4.71 3.48
C TYR A 78 22.08 -5.92 3.34
N ASN A 79 22.06 -6.61 2.19
CA ASN A 79 22.85 -7.83 2.02
C ASN A 79 23.32 -7.87 0.57
N LYS A 80 24.62 -7.63 0.35
CA LYS A 80 25.17 -7.62 -1.00
C LYS A 80 25.07 -8.97 -1.69
N GLU A 81 24.88 -10.07 -0.94
CA GLU A 81 24.77 -11.38 -1.56
C GLU A 81 23.46 -11.55 -2.33
N HIS A 82 22.47 -10.70 -2.07
CA HIS A 82 21.13 -10.90 -2.63
C HIS A 82 20.81 -9.88 -3.70
N GLN A 83 21.61 -9.82 -4.76
CA GLN A 83 21.46 -8.77 -5.77
C GLN A 83 20.13 -8.85 -6.51
N ASP A 84 19.47 -10.00 -6.51
CA ASP A 84 18.16 -10.11 -7.17
C ASP A 84 17.02 -9.55 -6.33
N GLN A 85 17.26 -9.23 -5.06
CA GLN A 85 16.20 -8.77 -4.16
C GLN A 85 16.24 -7.24 -4.09
N VAL A 86 15.63 -6.60 -5.08
CA VAL A 86 15.47 -5.16 -5.06
C VAL A 86 14.18 -4.77 -4.33
N ARG A 87 13.13 -5.57 -4.48
CA ARG A 87 11.83 -5.29 -3.88
C ARG A 87 11.47 -6.23 -2.74
N ALA A 88 11.56 -7.54 -2.97
CA ALA A 88 11.04 -8.52 -2.02
C ALA A 88 12.12 -8.96 -1.04
N GLY A 89 11.73 -9.10 0.21
CA GLY A 89 12.62 -9.55 1.26
C GLY A 89 12.42 -8.73 2.52
N TYR A 90 13.34 -8.91 3.46
N TYR A 90 13.35 -8.91 3.47
CA TYR A 90 13.23 -8.23 4.75
CA TYR A 90 13.27 -8.24 4.75
C TYR A 90 14.02 -6.92 4.71
C TYR A 90 14.02 -6.92 4.71
N TYR A 91 13.44 -5.89 5.33
CA TYR A 91 14.01 -4.56 5.42
C TYR A 91 14.40 -4.34 6.88
N LEU A 92 15.71 -4.37 7.16
CA LEU A 92 16.16 -4.41 8.55
C LEU A 92 16.06 -3.05 9.23
N SER A 93 15.68 -3.06 10.49
CA SER A 93 15.87 -1.89 11.32
C SER A 93 17.35 -1.74 11.67
N ILE A 94 17.72 -0.54 12.11
CA ILE A 94 19.09 -0.28 12.56
C ILE A 94 19.01 0.34 13.95
N PRO A 95 19.17 -0.45 15.01
CA PRO A 95 18.98 0.07 16.37
C PRO A 95 19.82 1.31 16.62
N GLY A 96 19.21 2.31 17.25
CA GLY A 96 19.84 3.59 17.45
C GLY A 96 19.79 4.52 16.25
N LYS A 97 19.42 4.03 15.08
CA LYS A 97 19.39 4.85 13.87
C LYS A 97 18.07 4.78 13.12
N LYS A 98 17.49 3.58 12.98
CA LYS A 98 16.31 3.38 12.15
C LYS A 98 15.36 2.43 12.87
N ALA A 99 14.16 2.91 13.18
CA ALA A 99 13.23 2.11 13.98
C ALA A 99 12.45 1.12 13.13
N VAL A 100 12.05 1.52 11.93
CA VAL A 100 11.11 0.74 11.14
C VAL A 100 11.78 -0.49 10.56
N GLU A 101 11.05 -1.59 10.52
N GLU A 101 11.04 -1.59 10.51
CA GLU A 101 11.45 -2.78 9.78
CA GLU A 101 11.44 -2.81 9.82
C GLU A 101 10.23 -3.35 9.09
C GLU A 101 10.23 -3.37 9.10
N SER A 102 10.47 -4.11 8.03
CA SER A 102 9.35 -4.60 7.22
C SER A 102 9.78 -5.80 6.39
N PHE A 103 8.78 -6.45 5.81
CA PHE A 103 8.93 -7.60 4.93
C PHE A 103 8.00 -7.39 3.74
N CYS A 104 8.56 -7.37 2.54
CA CYS A 104 7.80 -7.10 1.32
C CYS A 104 7.77 -8.36 0.46
N TYR A 105 6.59 -8.69 -0.08
CA TYR A 105 6.48 -9.79 -1.02
C TYR A 105 5.58 -9.38 -2.18
N LEU A 106 5.75 -10.07 -3.29
CA LEU A 106 5.13 -9.74 -4.57
C LEU A 106 4.14 -10.83 -4.97
N ASN A 107 3.69 -10.76 -6.23
CA ASN A 107 2.81 -11.73 -6.83
C ASN A 107 3.33 -13.15 -6.59
N PRO A 108 2.60 -13.99 -5.86
CA PRO A 108 3.05 -15.39 -5.66
C PRO A 108 3.17 -16.19 -6.96
N ASN A 109 2.59 -15.71 -8.06
CA ASN A 109 2.74 -16.39 -9.33
C ASN A 109 4.08 -16.11 -10.02
N PHE A 110 4.88 -15.21 -9.46
CA PHE A 110 6.24 -14.97 -9.95
C PHE A 110 7.12 -16.12 -9.48
N THR A 111 7.29 -17.13 -10.34
CA THR A 111 8.09 -18.32 -10.07
C THR A 111 9.20 -18.40 -11.11
N PRO A 112 10.16 -19.33 -10.97
CA PRO A 112 11.14 -19.51 -12.06
C PRO A 112 10.50 -19.89 -13.39
N ASP A 113 9.28 -20.42 -13.39
CA ASP A 113 8.59 -20.73 -14.63
C ASP A 113 8.02 -19.49 -15.32
N HIS A 114 7.87 -18.38 -14.59
CA HIS A 114 7.19 -17.22 -15.13
C HIS A 114 8.05 -16.56 -16.19
N PRO A 115 7.49 -16.20 -17.36
CA PRO A 115 8.31 -15.64 -18.44
C PRO A 115 8.97 -14.32 -18.07
N ARG A 116 8.36 -13.52 -17.20
CA ARG A 116 9.00 -12.29 -16.76
C ARG A 116 10.22 -12.58 -15.90
N ILE A 117 10.18 -13.67 -15.12
CA ILE A 117 11.36 -14.07 -14.36
C ILE A 117 12.41 -14.64 -15.30
N GLN A 118 11.99 -15.46 -16.27
CA GLN A 118 12.93 -16.00 -17.25
C GLN A 118 13.63 -14.89 -18.03
N ALA A 119 12.88 -13.86 -18.42
CA ALA A 119 13.42 -12.73 -19.16
C ALA A 119 14.15 -11.72 -18.29
N LYS A 120 14.14 -11.91 -16.96
CA LYS A 120 14.79 -11.00 -16.02
C LYS A 120 14.29 -9.57 -16.17
N THR A 121 12.99 -9.42 -16.39
CA THR A 121 12.39 -8.09 -16.51
C THR A 121 12.44 -7.38 -15.16
N PRO A 122 12.85 -6.11 -15.12
CA PRO A 122 12.91 -5.39 -13.85
C PRO A 122 11.56 -5.36 -13.14
N THR A 123 11.62 -5.24 -11.81
CA THR A 123 10.49 -5.17 -10.89
C THR A 123 9.81 -6.52 -10.67
N HIS A 124 10.24 -7.55 -11.42
CA HIS A 124 9.75 -8.91 -11.22
C HIS A 124 10.78 -9.70 -10.42
N GLU A 125 10.34 -10.32 -9.33
CA GLU A 125 11.21 -11.12 -8.46
C GLU A 125 10.43 -12.30 -7.91
N VAL A 126 11.15 -13.36 -7.55
CA VAL A 126 10.57 -14.50 -6.87
C VAL A 126 10.63 -14.25 -5.37
N ASN A 127 9.49 -14.37 -4.71
CA ASN A 127 9.42 -14.10 -3.26
C ASN A 127 10.37 -14.99 -2.48
N VAL A 128 10.93 -14.45 -1.40
CA VAL A 128 11.71 -15.20 -0.44
C VAL A 128 10.89 -15.34 0.83
N TRP A 129 11.02 -16.48 1.49
CA TRP A 129 10.20 -16.83 2.64
C TRP A 129 11.06 -17.40 3.75
N PRO A 130 10.67 -17.21 5.00
CA PRO A 130 11.38 -17.84 6.11
C PRO A 130 11.12 -19.34 6.14
N ASP A 131 11.86 -20.03 7.01
CA ASP A 131 11.69 -21.46 7.18
C ASP A 131 10.30 -21.77 7.71
N GLU A 132 9.62 -22.71 7.06
CA GLU A 132 8.25 -23.04 7.43
C GLU A 132 8.15 -23.51 8.87
N THR A 133 9.10 -24.33 9.32
CA THR A 133 9.02 -24.86 10.68
C THR A 133 9.26 -23.77 11.72
N LYS A 134 10.10 -22.78 11.41
CA LYS A 134 10.32 -21.68 12.33
C LYS A 134 9.18 -20.67 12.32
N HIS A 135 8.39 -20.62 11.24
CA HIS A 135 7.26 -19.71 11.13
C HIS A 135 6.08 -20.47 10.51
N PRO A 136 5.50 -21.40 11.26
CA PRO A 136 4.44 -22.26 10.69
C PRO A 136 3.25 -21.45 10.23
N GLY A 137 2.79 -21.75 9.01
CA GLY A 137 1.61 -21.12 8.45
C GLY A 137 1.81 -19.70 7.96
N PHE A 138 3.00 -19.11 8.13
CA PHE A 138 3.18 -17.71 7.74
C PHE A 138 3.06 -17.54 6.23
N GLN A 139 3.79 -18.35 5.45
CA GLN A 139 3.73 -18.21 4.00
C GLN A 139 2.31 -18.45 3.49
N ASP A 140 1.63 -19.46 4.04
CA ASP A 140 0.25 -19.71 3.63
C ASP A 140 -0.63 -18.50 3.92
N PHE A 141 -0.53 -17.96 5.14
CA PHE A 141 -1.29 -16.76 5.48
C PHE A 141 -0.98 -15.62 4.53
N ALA A 142 0.31 -15.35 4.31
CA ALA A 142 0.71 -14.19 3.51
C ALA A 142 0.21 -14.30 2.07
N GLU A 143 0.35 -15.47 1.45
CA GLU A 143 -0.12 -15.63 0.07
C GLU A 143 -1.63 -15.53 -0.02
N GLN A 144 -2.34 -16.15 0.93
N GLN A 144 -2.35 -16.13 0.93
CA GLN A 144 -3.79 -16.03 0.98
CA GLN A 144 -3.81 -16.01 0.90
C GLN A 144 -4.22 -14.58 1.14
C GLN A 144 -4.25 -14.56 1.14
N TYR A 145 -3.52 -13.83 1.98
CA TYR A 145 -3.86 -12.42 2.18
C TYR A 145 -3.67 -11.63 0.90
N TYR A 146 -2.61 -11.94 0.14
CA TYR A 146 -2.37 -11.27 -1.13
C TYR A 146 -3.58 -11.38 -2.05
N TRP A 147 -4.16 -12.58 -2.16
CA TRP A 147 -5.31 -12.76 -3.03
C TRP A 147 -6.60 -12.25 -2.40
N ASP A 148 -6.71 -12.30 -1.07
CA ASP A 148 -7.85 -11.69 -0.41
C ASP A 148 -7.93 -10.20 -0.71
N VAL A 149 -6.82 -9.48 -0.51
CA VAL A 149 -6.83 -8.03 -0.75
C VAL A 149 -6.83 -7.73 -2.24
N PHE A 150 -6.30 -8.65 -3.06
CA PHE A 150 -6.46 -8.52 -4.52
C PHE A 150 -7.93 -8.46 -4.89
N GLY A 151 -8.74 -9.36 -4.31
CA GLY A 151 -10.16 -9.35 -4.58
C GLY A 151 -10.82 -8.04 -4.20
N LEU A 152 -10.51 -7.54 -2.99
CA LEU A 152 -11.05 -6.26 -2.56
C LEU A 152 -10.58 -5.13 -3.49
N SER A 153 -9.30 -5.12 -3.85
CA SER A 153 -8.77 -4.05 -4.69
C SER A 153 -9.42 -4.05 -6.06
N SER A 154 -9.71 -5.24 -6.61
N SER A 154 -9.72 -5.24 -6.60
CA SER A 154 -10.38 -5.32 -7.90
CA SER A 154 -10.38 -5.32 -7.90
C SER A 154 -11.75 -4.65 -7.84
C SER A 154 -11.76 -4.67 -7.86
N ALA A 155 -12.51 -4.90 -6.78
CA ALA A 155 -13.81 -4.25 -6.64
C ALA A 155 -13.66 -2.75 -6.48
N LEU A 156 -12.69 -2.32 -5.67
CA LEU A 156 -12.45 -0.88 -5.51
C LEU A 156 -12.14 -0.23 -6.86
N LEU A 157 -11.36 -0.91 -7.71
CA LEU A 157 -11.05 -0.36 -9.03
C LEU A 157 -12.30 -0.20 -9.88
N LYS A 158 -13.29 -1.08 -9.70
CA LYS A 158 -14.57 -0.88 -10.39
C LYS A 158 -15.27 0.38 -9.88
N GLY A 159 -15.16 0.66 -8.58
CA GLY A 159 -15.70 1.89 -8.05
C GLY A 159 -15.03 3.12 -8.65
N TYR A 160 -13.70 3.10 -8.72
CA TYR A 160 -12.96 4.22 -9.29
C TYR A 160 -13.30 4.41 -10.77
N ALA A 161 -13.44 3.31 -11.51
CA ALA A 161 -13.76 3.40 -12.92
C ALA A 161 -15.13 4.05 -13.15
N LEU A 162 -16.14 3.57 -12.42
CA LEU A 162 -17.47 4.15 -12.54
C LEU A 162 -17.47 5.62 -12.11
N ALA A 163 -16.69 5.94 -11.06
CA ALA A 163 -16.64 7.32 -10.58
C ALA A 163 -16.13 8.28 -11.63
N LEU A 164 -15.26 7.81 -12.52
CA LEU A 164 -14.67 8.63 -13.58
C LEU A 164 -15.49 8.59 -14.87
N GLY A 165 -16.67 7.97 -14.84
CA GLY A 165 -17.50 7.94 -16.03
C GLY A 165 -17.16 6.84 -17.01
N LYS A 166 -16.40 5.84 -16.60
CA LYS A 166 -15.98 4.76 -17.47
C LYS A 166 -16.75 3.49 -17.14
N GLU A 167 -16.58 2.47 -17.99
N GLU A 167 -16.59 2.47 -17.99
CA GLU A 167 -17.10 1.15 -17.68
CA GLU A 167 -17.10 1.15 -17.68
C GLU A 167 -16.31 0.54 -16.52
C GLU A 167 -16.32 0.57 -16.50
N GLU A 168 -16.98 -0.31 -15.74
CA GLU A 168 -16.44 -0.74 -14.44
C GLU A 168 -15.13 -1.52 -14.56
N ASN A 169 -14.77 -2.03 -15.73
CA ASN A 169 -13.53 -2.78 -15.89
C ASN A 169 -12.39 -1.94 -16.46
N PHE A 170 -12.57 -0.61 -16.50
CA PHE A 170 -11.58 0.26 -17.14
C PHE A 170 -10.20 0.10 -16.53
N PHE A 171 -10.12 -0.02 -15.20
CA PHE A 171 -8.86 -0.28 -14.52
C PHE A 171 -8.63 -1.77 -14.27
N ALA A 172 -9.69 -2.48 -13.87
CA ALA A 172 -9.54 -3.85 -13.38
C ALA A 172 -9.07 -4.80 -14.46
N ARG A 173 -9.37 -4.50 -15.74
CA ARG A 173 -8.94 -5.39 -16.81
C ARG A 173 -7.41 -5.46 -16.93
N HIS A 174 -6.71 -4.46 -16.42
CA HIS A 174 -5.25 -4.45 -16.37
C HIS A 174 -4.70 -5.03 -15.07
N PHE A 175 -5.57 -5.44 -14.16
CA PHE A 175 -5.20 -5.93 -12.83
C PHE A 175 -5.48 -7.43 -12.83
N LYS A 176 -4.43 -8.23 -13.06
CA LYS A 176 -4.59 -9.66 -13.29
C LYS A 176 -3.65 -10.46 -12.41
N PRO A 177 -4.08 -11.64 -11.95
CA PRO A 177 -3.20 -12.44 -11.08
C PRO A 177 -1.95 -12.95 -11.77
N ASP A 178 -1.94 -13.07 -13.10
CA ASP A 178 -0.78 -13.66 -13.76
C ASP A 178 0.36 -12.67 -13.96
N ASP A 179 0.11 -11.37 -13.82
CA ASP A 179 1.17 -10.41 -14.10
C ASP A 179 1.16 -9.17 -13.22
N THR A 180 0.30 -9.09 -12.19
CA THR A 180 0.25 -7.87 -11.41
C THR A 180 1.55 -7.65 -10.65
N LEU A 181 2.04 -6.42 -10.70
CA LEU A 181 3.21 -6.01 -9.95
C LEU A 181 2.87 -5.53 -8.55
N ALA A 182 1.65 -5.79 -8.09
CA ALA A 182 1.22 -5.37 -6.77
C ALA A 182 2.08 -6.02 -5.69
N SER A 183 2.21 -5.32 -4.56
CA SER A 183 3.03 -5.79 -3.47
C SER A 183 2.31 -5.62 -2.14
N VAL A 184 2.67 -6.47 -1.19
CA VAL A 184 2.28 -6.32 0.22
C VAL A 184 3.55 -6.01 0.99
N VAL A 185 3.47 -5.07 1.92
CA VAL A 185 4.56 -4.80 2.86
C VAL A 185 4.01 -4.96 4.27
N LEU A 186 4.68 -5.79 5.08
CA LEU A 186 4.30 -5.98 6.47
C LEU A 186 5.26 -5.14 7.31
N ILE A 187 4.81 -3.95 7.70
CA ILE A 187 5.66 -2.95 8.36
C ILE A 187 5.44 -3.02 9.86
N ARG A 188 6.54 -3.03 10.62
CA ARG A 188 6.50 -2.89 12.06
C ARG A 188 7.12 -1.54 12.45
N TYR A 189 6.37 -0.74 13.18
CA TYR A 189 6.90 0.46 13.82
C TYR A 189 6.97 0.19 15.32
N PRO A 190 8.15 0.10 15.91
CA PRO A 190 8.25 -0.37 17.29
C PRO A 190 8.07 0.74 18.32
N TYR A 191 7.72 0.31 19.53
CA TYR A 191 7.90 1.15 20.71
C TYR A 191 9.35 1.04 21.16
N LEU A 192 9.97 2.18 21.42
CA LEU A 192 11.37 2.21 21.82
C LEU A 192 11.54 3.18 22.99
N ASP A 193 12.23 2.73 24.03
CA ASP A 193 12.53 3.56 25.19
C ASP A 193 13.98 3.33 25.60
N PRO A 194 14.89 4.29 25.36
CA PRO A 194 14.59 5.58 24.72
C PRO A 194 14.45 5.48 23.20
N TYR A 195 13.62 6.33 22.62
CA TYR A 195 13.50 6.38 21.18
C TYR A 195 14.64 7.21 20.61
N PRO A 196 15.41 6.68 19.67
CA PRO A 196 16.57 7.42 19.15
C PRO A 196 16.14 8.58 18.28
N GLU A 197 16.62 9.78 18.61
CA GLU A 197 16.28 10.97 17.84
C GLU A 197 16.77 10.86 16.40
N ALA A 198 17.82 10.07 16.16
CA ALA A 198 18.31 9.85 14.80
C ALA A 198 17.27 9.19 13.91
N ALA A 199 16.32 8.45 14.48
CA ALA A 199 15.25 7.85 13.71
C ALA A 199 14.05 8.77 13.54
N ILE A 200 14.15 10.01 14.01
CA ILE A 200 13.06 10.98 13.94
C ILE A 200 13.47 12.10 13.01
N LYS A 201 12.59 12.46 12.09
CA LYS A 201 12.80 13.58 11.19
C LYS A 201 11.92 14.75 11.63
N THR A 202 12.37 15.96 11.31
CA THR A 202 11.65 17.17 11.65
C THR A 202 11.19 17.85 10.37
N ALA A 203 9.87 18.01 10.24
CA ALA A 203 9.30 18.63 9.05
C ALA A 203 9.59 20.13 9.05
N ALA A 204 9.36 20.74 7.89
CA ALA A 204 9.53 22.20 7.77
C ALA A 204 8.65 22.95 8.75
N ASP A 205 7.47 22.41 9.06
CA ASP A 205 6.56 23.05 10.00
C ASP A 205 6.83 22.64 11.45
N GLY A 206 7.89 21.88 11.71
CA GLY A 206 8.27 21.48 13.05
C GLY A 206 7.76 20.14 13.49
N THR A 207 6.83 19.53 12.77
CA THR A 207 6.27 18.24 13.16
C THR A 207 7.34 17.15 13.10
N LYS A 208 7.41 16.33 14.16
CA LYS A 208 8.32 15.20 14.18
C LYS A 208 7.73 14.06 13.36
N LEU A 209 8.52 13.50 12.46
CA LEU A 209 8.04 12.52 11.49
C LEU A 209 8.86 11.23 11.55
N SER A 210 8.20 10.13 11.19
CA SER A 210 8.91 8.88 10.90
C SER A 210 9.19 8.72 9.43
N PHE A 211 8.39 9.34 8.56
CA PHE A 211 8.55 9.24 7.12
C PHE A 211 8.01 10.52 6.49
N GLU A 212 8.81 11.14 5.62
CA GLU A 212 8.48 12.46 5.12
C GLU A 212 7.38 12.40 4.07
N TRP A 213 6.97 13.58 3.60
CA TRP A 213 5.89 13.69 2.64
C TRP A 213 6.23 12.95 1.36
N HIS A 214 5.19 12.42 0.71
CA HIS A 214 5.36 11.67 -0.52
C HIS A 214 4.00 11.45 -1.14
N GLU A 215 4.01 11.19 -2.44
CA GLU A 215 2.88 10.59 -3.14
C GLU A 215 3.16 9.10 -3.31
N ASP A 216 2.10 8.30 -3.23
CA ASP A 216 2.28 6.86 -3.35
C ASP A 216 2.62 6.48 -4.78
N VAL A 217 3.51 5.50 -4.91
CA VAL A 217 3.83 4.88 -6.20
C VAL A 217 2.88 3.70 -6.36
N SER A 218 1.74 3.94 -7.03
CA SER A 218 0.70 2.94 -7.18
C SER A 218 -0.38 3.51 -8.08
N LEU A 219 -1.30 2.64 -8.49
CA LEU A 219 -2.57 3.13 -9.02
C LEU A 219 -3.46 3.59 -7.88
N ILE A 220 -3.78 2.67 -6.95
CA ILE A 220 -4.35 3.02 -5.65
C ILE A 220 -3.60 2.23 -4.58
N THR A 221 -3.75 2.69 -3.34
CA THR A 221 -3.16 2.03 -2.18
C THR A 221 -4.27 1.58 -1.25
N VAL A 222 -4.21 0.31 -0.82
CA VAL A 222 -5.24 -0.31 0.01
C VAL A 222 -4.56 -0.73 1.31
N LEU A 223 -4.74 0.06 2.36
CA LEU A 223 -3.89 -0.01 3.56
C LEU A 223 -4.69 -0.43 4.78
N TYR A 224 -4.15 -1.39 5.53
CA TYR A 224 -4.62 -1.67 6.87
C TYR A 224 -3.58 -1.24 7.90
N GLN A 225 -4.05 -0.63 8.98
CA GLN A 225 -3.19 -0.19 10.07
C GLN A 225 -3.83 -0.53 11.40
N SER A 226 -3.00 -0.72 12.42
CA SER A 226 -3.52 -0.87 13.77
C SER A 226 -4.02 0.47 14.28
N ASN A 227 -4.57 0.46 15.50
CA ASN A 227 -5.29 1.62 16.04
C ASN A 227 -4.31 2.58 16.74
N VAL A 228 -3.46 3.21 15.92
CA VAL A 228 -2.56 4.26 16.38
C VAL A 228 -2.53 5.34 15.31
N GLN A 229 -3.06 6.51 15.64
CA GLN A 229 -3.11 7.61 14.68
C GLN A 229 -1.71 8.11 14.36
N ASN A 230 -1.43 8.34 13.08
CA ASN A 230 -0.10 8.74 12.68
C ASN A 230 -0.09 9.48 11.34
N LEU A 231 -1.07 9.23 10.48
CA LEU A 231 -1.04 9.77 9.13
C LEU A 231 -1.53 11.21 9.09
N GLN A 232 -0.96 11.98 8.16
CA GLN A 232 -1.40 13.34 7.87
C GLN A 232 -1.42 13.53 6.36
N VAL A 233 -2.47 14.18 5.86
CA VAL A 233 -2.61 14.51 4.45
C VAL A 233 -2.43 16.01 4.28
N GLU A 234 -1.74 16.41 3.22
CA GLU A 234 -1.54 17.83 2.96
C GLU A 234 -2.74 18.42 2.23
N THR A 235 -3.21 19.56 2.71
CA THR A 235 -4.20 20.38 2.02
C THR A 235 -3.60 21.76 1.78
N ALA A 236 -4.37 22.62 1.12
CA ALA A 236 -3.91 23.98 0.90
C ALA A 236 -3.75 24.73 2.21
N ALA A 237 -4.49 24.33 3.26
CA ALA A 237 -4.42 24.95 4.57
C ALA A 237 -3.49 24.20 5.52
N GLY A 238 -2.60 23.38 4.99
CA GLY A 238 -1.64 22.65 5.79
C GLY A 238 -2.01 21.19 5.96
N TYR A 239 -1.21 20.50 6.77
CA TYR A 239 -1.42 19.08 7.00
C TYR A 239 -2.54 18.85 8.00
N GLN A 240 -3.35 17.82 7.72
CA GLN A 240 -4.49 17.47 8.56
C GLN A 240 -4.38 16.01 8.99
N ASP A 241 -4.72 15.74 10.25
CA ASP A 241 -4.63 14.39 10.78
C ASP A 241 -5.67 13.47 10.17
N ILE A 242 -5.25 12.26 9.83
CA ILE A 242 -6.16 11.20 9.40
C ILE A 242 -6.43 10.30 10.58
N GLU A 243 -7.69 10.19 10.98
CA GLU A 243 -8.03 9.39 12.15
C GLU A 243 -7.83 7.90 11.85
N ALA A 244 -7.48 7.15 12.90
CA ALA A 244 -7.24 5.73 12.76
C ALA A 244 -8.54 4.95 12.77
N ASP A 245 -8.50 3.77 12.13
CA ASP A 245 -9.66 2.87 12.11
C ASP A 245 -9.10 1.49 11.79
N ASP A 246 -8.98 0.64 12.81
CA ASP A 246 -8.39 -0.69 12.63
C ASP A 246 -9.43 -1.73 12.25
N THR A 247 -10.58 -1.31 11.72
CA THR A 247 -11.53 -2.25 11.13
C THR A 247 -11.71 -2.06 9.63
N GLY A 248 -11.35 -0.90 9.09
CA GLY A 248 -11.51 -0.61 7.68
C GLY A 248 -10.17 -0.47 6.97
N TYR A 249 -10.26 -0.34 5.65
CA TYR A 249 -9.10 -0.14 4.81
C TYR A 249 -9.04 1.31 4.36
N LEU A 250 -7.89 1.95 4.59
CA LEU A 250 -7.68 3.31 4.14
C LEU A 250 -7.24 3.29 2.68
N ILE A 251 -7.98 4.00 1.83
CA ILE A 251 -7.78 3.97 0.39
C ILE A 251 -7.33 5.35 -0.09
N ASN A 252 -6.41 5.37 -1.03
CA ASN A 252 -5.99 6.63 -1.66
C ASN A 252 -5.38 6.32 -3.01
N CYS A 253 -5.36 7.34 -3.87
CA CYS A 253 -4.78 7.18 -5.20
C CYS A 253 -3.28 7.37 -5.17
N GLY A 254 -2.59 6.68 -6.08
CA GLY A 254 -1.18 6.89 -6.31
C GLY A 254 -0.96 7.78 -7.53
N SER A 255 0.32 8.07 -7.78
CA SER A 255 0.67 9.04 -8.81
C SER A 255 0.34 8.56 -10.23
N TYR A 256 0.19 7.25 -10.43
CA TYR A 256 -0.23 6.79 -11.75
C TYR A 256 -1.67 7.22 -12.04
N MET A 257 -2.53 7.19 -11.03
CA MET A 257 -3.90 7.68 -11.20
C MET A 257 -3.91 9.17 -11.50
N ALA A 258 -3.07 9.95 -10.81
CA ALA A 258 -3.01 11.37 -11.07
C ALA A 258 -2.56 11.65 -12.50
N HIS A 259 -1.62 10.85 -13.01
CA HIS A 259 -1.17 11.04 -14.39
C HIS A 259 -2.30 10.77 -15.38
N LEU A 260 -2.99 9.63 -15.23
CA LEU A 260 -3.94 9.21 -16.25
C LEU A 260 -5.23 10.04 -16.22
N THR A 261 -5.54 10.70 -15.11
CA THR A 261 -6.73 11.54 -15.02
C THR A 261 -6.41 13.03 -15.18
N ASN A 262 -5.22 13.37 -15.65
N ASN A 262 -5.21 13.37 -15.63
CA ASN A 262 -4.77 14.75 -15.76
CA ASN A 262 -4.76 14.75 -15.70
C ASN A 262 -4.97 15.49 -14.44
C ASN A 262 -4.93 15.47 -14.37
N ASN A 263 -4.56 14.83 -13.35
N ASN A 263 -4.55 14.77 -13.29
CA ASN A 263 -4.61 15.34 -11.99
CA ASN A 263 -4.61 15.28 -11.92
C ASN A 263 -6.02 15.60 -11.49
C ASN A 263 -6.03 15.60 -11.48
N TYR A 264 -7.04 15.04 -12.16
CA TYR A 264 -8.41 15.20 -11.68
C TYR A 264 -8.61 14.44 -10.37
N TYR A 265 -8.09 13.22 -10.29
CA TYR A 265 -7.92 12.51 -9.01
C TYR A 265 -6.45 12.61 -8.64
N LYS A 266 -6.13 13.52 -7.73
CA LYS A 266 -4.75 13.72 -7.36
C LYS A 266 -4.23 12.57 -6.50
N ALA A 267 -2.93 12.38 -6.53
CA ALA A 267 -2.28 11.51 -5.55
C ALA A 267 -2.04 12.36 -4.30
N PRO A 268 -2.80 12.14 -3.23
CA PRO A 268 -2.67 13.01 -2.06
C PRO A 268 -1.30 12.88 -1.43
N ILE A 269 -0.66 14.03 -1.20
CA ILE A 269 0.60 14.05 -0.46
C ILE A 269 0.31 13.78 1.00
N HIS A 270 1.08 12.85 1.58
CA HIS A 270 0.88 12.49 2.98
C HIS A 270 2.22 12.15 3.61
N ARG A 271 2.23 12.19 4.95
CA ARG A 271 3.42 11.89 5.73
C ARG A 271 3.01 11.12 6.97
N VAL A 272 4.00 10.57 7.66
CA VAL A 272 3.78 9.71 8.83
C VAL A 272 4.40 10.40 10.04
N LYS A 273 3.56 10.80 10.99
CA LYS A 273 4.06 11.41 12.22
C LYS A 273 4.83 10.39 13.04
N TRP A 274 5.83 10.89 13.77
CA TRP A 274 6.48 10.06 14.78
C TRP A 274 5.57 9.85 15.96
N VAL A 275 5.32 8.58 16.29
CA VAL A 275 4.57 8.20 17.48
C VAL A 275 5.30 7.05 18.14
N ASN A 276 5.63 7.20 19.43
CA ASN A 276 6.33 6.14 20.14
C ASN A 276 5.31 5.14 20.66
N ALA A 277 4.91 4.24 19.77
CA ALA A 277 3.92 3.21 20.08
C ALA A 277 4.10 2.06 19.12
N GLU A 278 4.00 0.83 19.65
CA GLU A 278 4.02 -0.35 18.81
C GLU A 278 2.80 -0.36 17.89
N ARG A 279 3.05 -0.46 16.59
CA ARG A 279 1.96 -0.48 15.63
C ARG A 279 2.39 -1.20 14.36
N GLN A 280 1.40 -1.57 13.55
N GLN A 280 1.41 -1.66 13.60
CA GLN A 280 1.61 -2.18 12.25
CA GLN A 280 1.66 -2.43 12.39
C GLN A 280 1.07 -1.26 11.16
C GLN A 280 0.93 -1.79 11.22
N SER A 281 1.66 -1.37 9.97
N SER A 281 1.56 -1.89 10.05
CA SER A 281 1.17 -0.68 8.77
CA SER A 281 1.00 -1.32 8.83
C SER A 281 1.34 -1.64 7.60
C SER A 281 1.16 -2.35 7.72
N LEU A 282 0.23 -2.08 7.01
N LEU A 282 0.07 -2.59 6.97
CA LEU A 282 0.24 -3.17 6.03
CA LEU A 282 0.03 -3.60 5.92
C LEU A 282 -0.37 -2.66 4.72
C LEU A 282 -0.51 -2.98 4.64
N PRO A 283 0.41 -1.98 3.89
N PRO A 283 0.29 -2.16 3.96
CA PRO A 283 -0.10 -1.50 2.61
CA PRO A 283 -0.17 -1.58 2.68
C PRO A 283 -0.11 -2.59 1.54
C PRO A 283 -0.12 -2.60 1.55
N PHE A 284 -1.12 -2.51 0.67
CA PHE A 284 -1.17 -3.29 -0.55
C PHE A 284 -1.16 -2.28 -1.70
N PHE A 285 -0.06 -2.24 -2.43
CA PHE A 285 0.11 -1.26 -3.51
C PHE A 285 -0.46 -1.86 -4.79
N VAL A 286 -1.59 -1.32 -5.24
CA VAL A 286 -2.26 -1.83 -6.43
C VAL A 286 -1.48 -1.36 -7.65
N ASN A 287 -0.63 -2.24 -8.16
CA ASN A 287 0.13 -2.01 -9.38
C ASN A 287 -0.43 -2.88 -10.50
N LEU A 288 -0.28 -2.41 -11.73
CA LEU A 288 -0.78 -3.12 -12.89
C LEU A 288 0.32 -4.03 -13.44
N GLY A 289 0.16 -4.51 -14.68
CA GLY A 289 1.20 -5.30 -15.30
C GLY A 289 2.32 -4.46 -15.87
N TYR A 290 3.44 -5.12 -16.17
CA TYR A 290 4.64 -4.39 -16.61
C TYR A 290 4.38 -3.63 -17.90
N ASP A 291 3.62 -4.22 -18.83
N ASP A 291 3.63 -4.22 -18.83
CA ASP A 291 3.30 -3.58 -20.10
CA ASP A 291 3.30 -3.58 -20.10
C ASP A 291 1.93 -2.90 -20.08
C ASP A 291 1.91 -2.98 -20.09
N SER A 292 1.29 -2.82 -18.92
CA SER A 292 -0.04 -2.22 -18.84
C SER A 292 0.04 -0.73 -19.15
N VAL A 293 -0.82 -0.27 -20.04
CA VAL A 293 -0.87 1.13 -20.46
C VAL A 293 -2.33 1.58 -20.44
N ILE A 294 -2.59 2.68 -19.74
CA ILE A 294 -3.92 3.28 -19.69
C ILE A 294 -3.87 4.63 -20.38
N ASP A 295 -4.75 4.83 -21.37
CA ASP A 295 -4.77 6.07 -22.13
C ASP A 295 -5.26 7.22 -21.26
N PRO A 296 -4.47 8.28 -21.08
CA PRO A 296 -4.90 9.38 -20.22
C PRO A 296 -6.13 10.08 -20.78
N PHE A 297 -6.90 10.66 -19.86
CA PHE A 297 -8.09 11.43 -20.22
C PHE A 297 -8.27 12.52 -19.16
N ASP A 298 -9.10 13.51 -19.50
CA ASP A 298 -9.35 14.65 -18.63
C ASP A 298 -10.85 14.79 -18.42
N PRO A 299 -11.37 14.35 -17.26
CA PRO A 299 -12.82 14.45 -17.02
C PRO A 299 -13.33 15.88 -16.91
N ARG A 300 -12.44 16.87 -16.87
CA ARG A 300 -12.89 18.25 -16.81
C ARG A 300 -13.28 18.80 -18.17
N GLU A 301 -12.84 18.15 -19.25
CA GLU A 301 -13.10 18.65 -20.60
C GLU A 301 -14.30 17.94 -21.21
N PRO A 302 -15.15 18.70 -21.92
CA PRO A 302 -16.31 18.08 -22.59
C PRO A 302 -15.95 16.88 -23.46
N ASN A 303 -14.91 17.00 -24.28
CA ASN A 303 -14.47 15.88 -25.10
C ASN A 303 -13.60 14.89 -24.34
N GLY A 304 -13.28 15.17 -23.07
CA GLY A 304 -12.51 14.26 -22.25
C GLY A 304 -11.11 13.98 -22.76
N LYS A 305 -10.61 14.80 -23.69
CA LYS A 305 -9.32 14.53 -24.31
C LYS A 305 -8.16 15.07 -23.45
N SER A 306 -7.08 14.31 -23.42
CA SER A 306 -5.86 14.70 -22.72
C SER A 306 -4.68 14.58 -23.68
N ASP A 307 -3.72 15.50 -23.50
CA ASP A 307 -2.51 15.50 -24.30
C ASP A 307 -1.35 14.78 -23.60
N ARG A 308 -1.62 14.11 -22.48
CA ARG A 308 -0.55 13.43 -21.76
C ARG A 308 -0.21 12.10 -22.43
N GLU A 309 1.06 11.71 -22.33
CA GLU A 309 1.51 10.47 -22.94
C GLU A 309 1.00 9.27 -22.15
N PRO A 310 0.56 8.22 -22.84
CA PRO A 310 0.31 6.95 -22.15
C PRO A 310 1.60 6.41 -21.54
N LEU A 311 1.53 6.04 -20.26
CA LEU A 311 2.70 5.59 -19.51
C LEU A 311 2.63 4.09 -19.30
N SER A 312 3.69 3.38 -19.71
CA SER A 312 3.82 1.97 -19.39
C SER A 312 4.04 1.81 -17.90
N TYR A 313 3.27 0.92 -17.27
CA TYR A 313 3.27 0.88 -15.81
C TYR A 313 4.61 0.41 -15.26
N GLY A 314 5.24 -0.57 -15.92
CA GLY A 314 6.49 -1.09 -15.41
C GLY A 314 7.58 -0.03 -15.33
N ASP A 315 7.71 0.79 -16.37
CA ASP A 315 8.67 1.89 -16.33
C ASP A 315 8.28 2.92 -15.28
N TYR A 316 6.99 3.19 -15.13
CA TYR A 316 6.52 4.07 -14.07
C TYR A 316 6.91 3.52 -12.70
N LEU A 317 6.69 2.22 -12.49
CA LEU A 317 6.99 1.62 -11.20
C LEU A 317 8.49 1.63 -10.91
N GLN A 318 9.30 1.26 -11.89
CA GLN A 318 10.76 1.24 -11.68
C GLN A 318 11.27 2.63 -11.34
N ASN A 319 10.84 3.64 -12.08
CA ASN A 319 11.28 5.01 -11.80
C ASN A 319 10.74 5.50 -10.47
N GLY A 320 9.48 5.20 -10.17
CA GLY A 320 8.88 5.73 -8.95
C GLY A 320 9.50 5.18 -7.69
N LEU A 321 9.79 3.87 -7.67
CA LEU A 321 10.36 3.27 -6.47
C LEU A 321 11.78 3.78 -6.22
N VAL A 322 12.55 4.01 -7.28
CA VAL A 322 13.89 4.56 -7.10
C VAL A 322 13.82 6.00 -6.62
N SER A 323 12.90 6.79 -7.18
CA SER A 323 12.78 8.18 -6.78
C SER A 323 12.35 8.30 -5.32
N LEU A 324 11.47 7.42 -4.87
CA LEU A 324 11.01 7.47 -3.48
C LEU A 324 12.14 7.13 -2.52
N ILE A 325 12.99 6.17 -2.88
CA ILE A 325 14.15 5.86 -2.07
C ILE A 325 15.11 7.04 -2.03
N ASN A 326 15.35 7.67 -3.19
CA ASN A 326 16.28 8.79 -3.24
C ASN A 326 15.76 9.97 -2.42
N LYS A 327 14.45 10.21 -2.44
CA LYS A 327 13.90 11.38 -1.77
C LYS A 327 13.72 11.16 -0.28
N ASN A 328 13.20 10.01 0.12
CA ASN A 328 12.83 9.77 1.51
C ASN A 328 13.70 8.73 2.21
N GLY A 329 14.72 8.22 1.55
CA GLY A 329 15.67 7.32 2.18
C GLY A 329 15.32 5.86 2.02
N GLN A 330 16.35 5.02 2.14
CA GLN A 330 16.17 3.58 2.11
C GLN A 330 15.36 3.14 3.34
N THR A 331 14.25 2.44 3.10
CA THR A 331 13.38 1.99 4.17
C THR A 331 13.78 0.61 4.67
#